data_7BDG
#
_entry.id   7BDG
#
_cell.length_a   60.361
_cell.length_b   72.686
_cell.length_c   78.693
_cell.angle_alpha   90.000
_cell.angle_beta   90.000
_cell.angle_gamma   90.000
#
_symmetry.space_group_name_H-M   'P 21 21 21'
#
loop_
_entity.id
_entity.type
_entity.pdbx_description
1 polymer 'Palmitoleoyl-protein carboxylesterase NOTUM'
2 non-polymer 'SULFATE ION'
3 non-polymer 2-acetamido-2-deoxy-beta-D-glucopyranose
4 non-polymer 'DIMETHYL SULFOXIDE'
5 non-polymer ~{N}-(1-ethylbenzimidazol-2-yl)ethanamide
6 water water
#
_entity_poly.entity_id   1
_entity_poly.type   'polypeptide(L)'
_entity_poly.pdbx_seq_one_letter_code
;ETGSAQQLNEDLRLHLLLNTSVTCNDGSPAGYYLKESRGSRRWLLFLEGGWYCFNRENCDSRYDTMRRLMSSRDWPRTRT
GTGILSSQPEENPYWWNANMVFIPYCSSDVWSGASSKSEKNEYAFMGALIIQEVVRELLGRGLSGAKVLLLAGSSAGGTG
VLLNVDRVAEQLEKLGYPAIQVRGLADSGWFLDNKQYRHTDCVDTITCAPTEAIRRGIRYWNGVVPERCRRQFQEGEEWN
CFFGYKVYPTLRSPVFVVQWLFDEAQLTVDNVHLTGQPVQEGLRLYIQNLGRELRHTLKDVPASFAPACLSHEIIIRSHW
TDVQVKGTSLPRALHCWDRSLHDSHKASKTPLKGCPVHLVDSCPWPHCNPSCPTGTKHHHHHH
;
_entity_poly.pdbx_strand_id   A
#
loop_
_chem_comp.id
_chem_comp.type
_chem_comp.name
_chem_comp.formula
DMS non-polymer 'DIMETHYL SULFOXIDE' 'C2 H6 O S'
NAG D-saccharide, beta linking 2-acetamido-2-deoxy-beta-D-glucopyranose 'C8 H15 N O6'
SO4 non-polymer 'SULFATE ION' 'O4 S -2'
TEK non-polymer ~{N}-(1-ethylbenzimidazol-2-yl)ethanamide 'C11 H13 N3 O'
#
# COMPACT_ATOMS: atom_id res chain seq x y z
N ASP A 11 18.43 -13.47 -1.85
CA ASP A 11 18.36 -12.41 -0.87
C ASP A 11 18.44 -11.02 -1.52
N LEU A 12 17.84 -10.05 -0.84
CA LEU A 12 17.87 -8.65 -1.23
C LEU A 12 18.83 -7.90 -0.31
N ARG A 13 19.67 -7.02 -0.88
CA ARG A 13 20.79 -6.41 -0.17
C ARG A 13 20.49 -4.95 0.18
N LEU A 14 20.83 -4.53 1.40
CA LEU A 14 20.52 -3.16 1.83
C LEU A 14 21.43 -2.13 1.18
N HIS A 15 20.81 -1.03 0.75
CA HIS A 15 21.50 0.20 0.35
C HIS A 15 20.87 1.37 1.12
N LEU A 16 21.67 2.06 1.94
CA LEU A 16 21.19 3.29 2.56
C LEU A 16 21.31 4.44 1.59
N LEU A 17 20.35 5.37 1.66
CA LEU A 17 20.32 6.45 0.68
C LEU A 17 21.58 7.31 0.75
N LEU A 18 22.11 7.64 -0.43
CA LEU A 18 23.28 8.49 -0.54
C LEU A 18 22.95 9.92 -0.13
N ASN A 19 21.72 10.35 -0.39
CA ASN A 19 21.23 11.64 0.11
C ASN A 19 20.76 11.43 1.53
N THR A 20 21.64 11.70 2.49
CA THR A 20 21.33 11.41 3.88
C THR A 20 20.38 12.42 4.51
N SER A 21 19.95 13.46 3.78
CA SER A 21 18.91 14.35 4.28
CA SER A 21 18.91 14.35 4.27
C SER A 21 17.50 13.75 4.13
N VAL A 22 17.36 12.62 3.47
CA VAL A 22 16.09 11.93 3.34
C VAL A 22 16.09 10.85 4.42
N THR A 23 15.30 11.04 5.48
CA THR A 23 15.52 10.27 6.70
C THR A 23 14.26 9.55 7.17
N CYS A 24 14.49 8.53 8.01
CA CYS A 24 13.47 7.92 8.84
C CYS A 24 13.03 8.90 9.94
N ASN A 25 12.08 8.47 10.77
CA ASN A 25 11.51 9.37 11.78
C ASN A 25 12.57 10.01 12.66
N ASP A 26 13.58 9.25 13.09
CA ASP A 26 14.55 9.74 14.06
C ASP A 26 15.78 10.38 13.43
N GLY A 27 15.77 10.64 12.12
CA GLY A 27 16.88 11.28 11.45
C GLY A 27 17.94 10.35 10.88
N SER A 28 17.87 9.06 11.15
CA SER A 28 18.77 8.11 10.49
C SER A 28 18.39 7.98 9.00
N PRO A 29 19.33 7.58 8.14
CA PRO A 29 19.04 7.56 6.71
C PRO A 29 18.03 6.48 6.34
N ALA A 30 17.15 6.80 5.40
CA ALA A 30 16.25 5.79 4.84
C ALA A 30 17.02 4.91 3.86
N GLY A 31 16.35 3.95 3.22
CA GLY A 31 17.07 3.08 2.29
C GLY A 31 16.14 2.15 1.53
N TYR A 32 16.75 1.13 0.90
CA TYR A 32 16.02 0.13 0.13
C TYR A 32 16.84 -1.16 0.04
N TYR A 33 16.16 -2.29 -0.15
CA TYR A 33 16.81 -3.57 -0.40
C TYR A 33 16.60 -3.96 -1.87
N LEU A 34 17.67 -4.43 -2.52
CA LEU A 34 17.68 -4.64 -3.97
C LEU A 34 18.21 -6.02 -4.33
N LYS A 35 17.52 -6.71 -5.24
CA LYS A 35 18.07 -7.87 -5.94
C LYS A 35 17.94 -7.63 -7.44
N GLU A 36 19.07 -7.52 -8.14
CA GLU A 36 19.05 -7.22 -9.56
C GLU A 36 18.79 -8.47 -10.38
N SER A 37 18.16 -8.28 -11.55
CA SER A 37 17.96 -9.34 -12.54
C SER A 37 18.42 -8.79 -13.88
N ARG A 38 19.64 -9.15 -14.29
CA ARG A 38 20.26 -8.50 -15.44
C ARG A 38 19.54 -8.79 -16.76
N GLY A 39 18.81 -9.90 -16.84
CA GLY A 39 18.12 -10.21 -18.07
C GLY A 39 16.70 -9.70 -18.13
N SER A 40 16.34 -8.71 -17.32
CA SER A 40 14.97 -8.25 -17.21
C SER A 40 14.87 -6.74 -17.27
N ARG A 41 13.84 -6.25 -17.98
CA ARG A 41 13.51 -4.83 -17.99
C ARG A 41 12.25 -4.53 -17.16
N ARG A 42 11.84 -5.43 -16.27
CA ARG A 42 10.75 -5.18 -15.33
C ARG A 42 11.30 -4.93 -13.93
N TRP A 43 10.74 -3.91 -13.26
CA TRP A 43 11.14 -3.51 -11.90
C TRP A 43 9.94 -3.49 -10.98
N LEU A 44 10.08 -4.13 -9.81
CA LEU A 44 9.05 -4.17 -8.77
C LEU A 44 9.57 -3.42 -7.55
N LEU A 45 8.89 -2.32 -7.19
CA LEU A 45 9.21 -1.54 -5.99
C LEU A 45 8.05 -1.69 -5.00
N PHE A 46 8.31 -2.35 -3.86
CA PHE A 46 7.26 -2.71 -2.90
C PHE A 46 7.35 -1.84 -1.65
N LEU A 47 6.20 -1.28 -1.23
CA LEU A 47 6.11 -0.42 -0.05
C LEU A 47 5.60 -1.24 1.15
N GLU A 48 6.42 -1.36 2.20
CA GLU A 48 6.01 -1.99 3.45
C GLU A 48 4.91 -1.19 4.15
N GLY A 49 4.08 -1.89 4.95
CA GLY A 49 3.07 -1.27 5.78
C GLY A 49 3.38 -1.39 7.28
N GLY A 50 2.41 -0.93 8.08
CA GLY A 50 2.51 -1.04 9.53
C GLY A 50 1.91 0.10 10.34
N TRP A 51 0.63 0.42 10.12
CA TRP A 51 -0.09 1.47 10.85
C TRP A 51 0.61 2.82 10.63
N TYR A 52 0.59 3.70 11.64
CA TYR A 52 1.08 5.08 11.53
C TYR A 52 1.01 5.69 12.94
N CYS A 53 1.59 6.88 13.11
CA CYS A 53 1.41 7.63 14.37
C CYS A 53 1.13 9.08 14.03
N PHE A 54 0.35 9.78 14.88
CA PHE A 54 -0.14 11.09 14.46
C PHE A 54 -0.01 12.19 15.51
N ASN A 55 0.68 11.95 16.63
CA ASN A 55 1.04 13.03 17.55
C ASN A 55 2.28 12.62 18.32
N ARG A 56 2.77 13.53 19.17
CA ARG A 56 4.01 13.28 19.89
C ARG A 56 3.88 12.06 20.80
N GLU A 57 2.75 11.94 21.50
CA GLU A 57 2.62 10.91 22.53
C GLU A 57 2.54 9.52 21.91
N ASN A 58 1.78 9.34 20.83
CA ASN A 58 1.73 7.99 20.27
C ASN A 58 2.93 7.68 19.38
N CYS A 59 3.62 8.70 18.83
CA CYS A 59 4.87 8.43 18.14
C CYS A 59 5.98 8.05 19.12
N ASP A 60 5.98 8.65 20.33
CA ASP A 60 6.94 8.27 21.36
C ASP A 60 6.76 6.80 21.76
N SER A 61 5.50 6.37 21.92
N SER A 61 5.51 6.35 21.92
CA SER A 61 5.24 4.97 22.25
CA SER A 61 5.30 4.95 22.27
C SER A 61 5.75 4.04 21.16
C SER A 61 5.77 4.02 21.15
N ARG A 62 5.46 4.36 19.90
CA ARG A 62 5.92 3.56 18.77
C ARG A 62 7.44 3.46 18.74
N TYR A 63 8.14 4.52 19.13
CA TYR A 63 9.60 4.48 19.08
C TYR A 63 10.17 3.50 20.10
N ASP A 64 9.44 3.20 21.17
CA ASP A 64 9.91 2.26 22.19
C ASP A 64 9.75 0.81 21.78
N THR A 65 8.64 0.46 21.11
CA THR A 65 8.35 -0.95 20.88
C THR A 65 8.10 -1.31 19.41
N MET A 66 8.27 -0.36 18.48
CA MET A 66 8.21 -0.59 17.05
C MET A 66 9.29 0.22 16.35
N ARG A 67 10.52 0.14 16.85
CA ARG A 67 11.55 1.10 16.44
C ARG A 67 12.07 0.87 15.01
N ARG A 68 12.09 -0.39 14.53
CA ARG A 68 12.45 -0.63 13.13
C ARG A 68 11.54 0.12 12.16
N LEU A 69 10.32 0.48 12.57
CA LEU A 69 9.40 1.28 11.77
C LEU A 69 9.61 2.79 11.95
N MET A 70 10.69 3.19 12.64
CA MET A 70 10.99 4.59 12.86
C MET A 70 12.46 4.92 12.70
N SER A 71 13.30 3.96 12.30
CA SER A 71 14.75 4.11 12.36
C SER A 71 15.41 2.98 11.56
N SER A 72 16.53 3.30 10.91
CA SER A 72 17.33 2.30 10.19
C SER A 72 18.52 1.81 10.99
N ARG A 73 18.68 2.25 12.23
CA ARG A 73 19.92 1.97 12.96
C ARG A 73 20.09 0.48 13.23
N ASP A 74 19.00 -0.28 13.29
CA ASP A 74 19.04 -1.71 13.61
C ASP A 74 18.67 -2.61 12.42
N TRP A 75 18.60 -2.06 11.19
CA TRP A 75 18.21 -2.88 10.06
C TRP A 75 19.29 -3.93 9.72
N PRO A 76 18.87 -5.10 9.25
CA PRO A 76 19.83 -6.13 8.83
C PRO A 76 20.37 -5.87 7.43
N ARG A 77 21.54 -6.45 7.15
CA ARG A 77 22.21 -6.24 5.88
C ARG A 77 21.42 -6.83 4.71
N THR A 78 20.60 -7.84 4.96
CA THR A 78 19.88 -8.53 3.89
C THR A 78 18.47 -8.91 4.37
N ARG A 79 17.58 -9.17 3.39
CA ARG A 79 16.26 -9.72 3.63
C ARG A 79 15.95 -10.78 2.57
N THR A 80 15.06 -11.71 2.91
CA THR A 80 14.61 -12.74 1.97
C THR A 80 13.34 -12.28 1.27
N GLY A 81 13.34 -12.31 -0.07
CA GLY A 81 12.14 -11.97 -0.82
C GLY A 81 11.13 -13.11 -0.79
N THR A 82 9.86 -12.80 -0.46
CA THR A 82 8.81 -13.79 -0.33
C THR A 82 7.59 -13.38 -1.13
N GLY A 83 6.80 -14.36 -1.56
CA GLY A 83 5.59 -14.08 -2.32
C GLY A 83 5.93 -13.42 -3.65
N ILE A 84 5.29 -12.29 -3.94
CA ILE A 84 5.55 -11.55 -5.18
C ILE A 84 7.00 -11.03 -5.23
N LEU A 85 7.71 -10.98 -4.10
CA LEU A 85 9.14 -10.65 -4.10
C LEU A 85 10.05 -11.88 -4.20
N SER A 86 9.49 -13.07 -4.37
CA SER A 86 10.33 -14.26 -4.55
C SER A 86 10.85 -14.37 -5.99
N SER A 87 12.10 -14.82 -6.11
CA SER A 87 12.76 -15.07 -7.40
C SER A 87 12.64 -16.52 -7.87
N GLN A 88 11.86 -17.37 -7.15
CA GLN A 88 11.61 -18.75 -7.55
C GLN A 88 10.26 -18.87 -8.24
N PRO A 89 10.17 -19.43 -9.45
CA PRO A 89 8.85 -19.53 -10.11
C PRO A 89 7.87 -20.39 -9.35
N GLU A 90 8.37 -21.35 -8.58
CA GLU A 90 7.48 -22.18 -7.77
C GLU A 90 6.66 -21.34 -6.79
N GLU A 91 7.26 -20.29 -6.20
CA GLU A 91 6.59 -19.43 -5.24
C GLU A 91 5.96 -18.19 -5.88
N ASN A 92 6.47 -17.75 -7.03
CA ASN A 92 6.06 -16.50 -7.68
C ASN A 92 5.87 -16.77 -9.17
N PRO A 93 4.69 -17.27 -9.55
CA PRO A 93 4.42 -17.52 -10.98
C PRO A 93 4.35 -16.24 -11.81
N TYR A 94 4.15 -15.08 -11.18
CA TYR A 94 3.88 -13.84 -11.93
C TYR A 94 5.17 -13.18 -12.43
N TRP A 95 6.04 -12.71 -11.52
CA TRP A 95 7.20 -11.88 -11.89
C TRP A 95 8.50 -12.39 -11.26
N TRP A 96 8.73 -13.72 -11.28
CA TRP A 96 9.92 -14.28 -10.62
C TRP A 96 11.25 -13.80 -11.20
N ASN A 97 11.28 -13.36 -12.46
CA ASN A 97 12.54 -12.93 -13.05
C ASN A 97 12.75 -11.42 -13.01
N ALA A 98 11.95 -10.67 -12.25
CA ALA A 98 12.05 -9.21 -12.24
C ALA A 98 13.15 -8.73 -11.30
N ASN A 99 13.58 -7.48 -11.54
CA ASN A 99 14.37 -6.76 -10.56
C ASN A 99 13.49 -6.45 -9.34
N MET A 100 13.97 -6.78 -8.15
CA MET A 100 13.18 -6.73 -6.91
C MET A 100 13.69 -5.65 -5.96
N VAL A 101 12.78 -4.79 -5.47
CA VAL A 101 13.13 -3.74 -4.52
C VAL A 101 12.11 -3.73 -3.37
N PHE A 102 12.59 -3.79 -2.13
CA PHE A 102 11.76 -3.68 -0.91
C PHE A 102 12.16 -2.39 -0.21
N ILE A 103 11.20 -1.48 -0.03
CA ILE A 103 11.44 -0.19 0.63
C ILE A 103 10.86 -0.25 2.03
N PRO A 104 11.68 -0.32 3.08
CA PRO A 104 11.14 -0.35 4.46
C PRO A 104 10.35 0.91 4.80
N TYR A 105 9.29 0.70 5.58
CA TYR A 105 8.42 1.77 6.09
C TYR A 105 8.99 2.29 7.41
N CYS A 106 9.66 3.44 7.37
CA CYS A 106 10.22 4.03 8.60
C CYS A 106 9.80 5.48 8.80
N SER A 107 8.68 5.91 8.18
CA SER A 107 8.21 7.29 8.29
C SER A 107 6.86 7.45 9.00
N SER A 108 6.13 6.37 9.25
CA SER A 108 4.93 6.38 10.12
C SER A 108 3.86 7.35 9.63
N ASP A 109 3.80 7.62 8.31
CA ASP A 109 2.97 8.67 7.72
C ASP A 109 2.14 8.19 6.53
N VAL A 110 1.88 6.89 6.42
CA VAL A 110 1.21 6.30 5.25
C VAL A 110 1.86 6.75 3.95
N TRP A 111 3.18 6.99 3.98
CA TRP A 111 3.98 7.34 2.79
C TRP A 111 3.59 8.70 2.19
N SER A 112 3.09 9.62 3.03
CA SER A 112 2.58 10.90 2.57
C SER A 112 3.42 12.10 2.98
N GLY A 113 4.41 11.93 3.87
CA GLY A 113 4.98 13.09 4.53
C GLY A 113 6.06 13.79 3.73
N ALA A 114 6.23 15.08 4.03
CA ALA A 114 7.33 15.85 3.46
C ALA A 114 7.81 16.90 4.47
N SER A 115 8.29 16.45 5.63
N SER A 115 8.26 16.46 5.64
CA SER A 115 8.75 17.33 6.69
CA SER A 115 8.77 17.36 6.67
C SER A 115 10.01 16.76 7.35
C SER A 115 10.01 16.76 7.32
N SER A 116 10.99 17.63 7.60
CA SER A 116 12.25 17.24 8.23
C SER A 116 12.19 17.38 9.75
N LYS A 117 13.05 16.62 10.44
CA LYS A 117 13.30 16.86 11.85
C LYS A 117 14.07 18.17 12.02
N SER A 118 13.68 18.99 12.98
CA SER A 118 14.22 20.34 13.12
C SER A 118 13.99 20.82 14.55
N GLU A 119 14.34 22.08 14.81
CA GLU A 119 14.16 22.63 16.15
C GLU A 119 12.70 22.68 16.56
N LYS A 120 11.78 22.59 15.60
CA LYS A 120 10.35 22.61 15.86
C LYS A 120 9.70 21.25 15.72
N ASN A 121 10.39 20.25 15.18
CA ASN A 121 9.81 18.93 14.91
C ASN A 121 10.69 17.87 15.56
N GLU A 122 10.14 17.13 16.54
CA GLU A 122 10.89 16.03 17.13
C GLU A 122 11.18 14.92 16.12
N TYR A 123 10.25 14.67 15.19
CA TYR A 123 10.38 13.59 14.22
C TYR A 123 10.32 14.11 12.80
N ALA A 124 10.97 13.39 11.88
CA ALA A 124 10.85 13.63 10.44
C ALA A 124 9.78 12.71 9.87
N PHE A 125 8.98 13.24 8.95
CA PHE A 125 7.96 12.46 8.26
C PHE A 125 8.19 12.68 6.77
N MET A 126 8.94 11.77 6.13
CA MET A 126 9.39 12.03 4.77
C MET A 126 9.01 10.91 3.79
N GLY A 127 7.90 10.20 4.03
CA GLY A 127 7.57 9.06 3.17
C GLY A 127 7.47 9.36 1.70
N ALA A 128 6.86 10.48 1.33
CA ALA A 128 6.72 10.82 -0.08
C ALA A 128 8.07 11.11 -0.73
N LEU A 129 8.98 11.72 0.03
CA LEU A 129 10.31 12.02 -0.47
C LEU A 129 11.21 10.79 -0.49
N ILE A 130 10.98 9.84 0.42
CA ILE A 130 11.75 8.59 0.41
C ILE A 130 11.52 7.87 -0.91
N ILE A 131 10.27 7.76 -1.35
CA ILE A 131 9.97 7.09 -2.62
C ILE A 131 10.66 7.80 -3.78
N GLN A 132 10.62 9.13 -3.80
CA GLN A 132 11.23 9.89 -4.90
C GLN A 132 12.74 9.66 -4.96
N GLU A 133 13.39 9.62 -3.79
CA GLU A 133 14.84 9.45 -3.77
C GLU A 133 15.25 8.03 -4.13
N VAL A 134 14.46 7.03 -3.72
CA VAL A 134 14.75 5.66 -4.13
C VAL A 134 14.72 5.53 -5.65
N VAL A 135 13.65 6.03 -6.28
CA VAL A 135 13.56 6.02 -7.74
C VAL A 135 14.76 6.72 -8.34
N ARG A 136 15.11 7.88 -7.78
CA ARG A 136 16.26 8.65 -8.25
C ARG A 136 17.55 7.81 -8.28
N GLU A 137 17.90 7.17 -7.16
CA GLU A 137 19.17 6.44 -7.11
C GLU A 137 19.13 5.15 -7.92
N LEU A 138 17.94 4.54 -8.08
CA LEU A 138 17.83 3.31 -8.87
C LEU A 138 18.07 3.55 -10.36
N LEU A 139 17.77 4.76 -10.86
CA LEU A 139 17.98 5.02 -12.27
C LEU A 139 19.45 4.89 -12.66
N GLY A 140 20.37 5.16 -11.72
CA GLY A 140 21.78 4.91 -11.96
C GLY A 140 22.22 3.46 -11.86
N ARG A 141 21.34 2.58 -11.38
CA ARG A 141 21.65 1.17 -11.20
C ARG A 141 20.86 0.26 -12.14
N GLY A 142 20.33 0.80 -13.23
CA GLY A 142 19.66 0.00 -14.24
C GLY A 142 18.20 0.36 -14.50
N LEU A 143 17.54 1.10 -13.59
CA LEU A 143 16.14 1.46 -13.84
C LEU A 143 15.98 2.31 -15.10
N SER A 144 17.05 3.00 -15.53
CA SER A 144 17.00 3.81 -16.74
C SER A 144 16.58 2.99 -17.96
N GLY A 145 16.87 1.69 -17.97
CA GLY A 145 16.52 0.83 -19.08
C GLY A 145 15.22 0.05 -18.95
N ALA A 146 14.38 0.38 -17.97
CA ALA A 146 13.16 -0.37 -17.68
C ALA A 146 12.10 -0.19 -18.77
N LYS A 147 11.28 -1.22 -18.95
CA LYS A 147 10.04 -1.12 -19.71
C LYS A 147 8.81 -0.91 -18.82
N VAL A 148 8.77 -1.50 -17.62
CA VAL A 148 7.65 -1.35 -16.69
C VAL A 148 8.20 -1.18 -15.28
N LEU A 149 7.63 -0.23 -14.53
CA LEU A 149 7.87 -0.03 -13.11
C LEU A 149 6.55 -0.26 -12.39
N LEU A 150 6.44 -1.36 -11.64
CA LEU A 150 5.25 -1.66 -10.84
C LEU A 150 5.52 -1.21 -9.40
N LEU A 151 4.80 -0.19 -8.95
CA LEU A 151 4.85 0.27 -7.56
C LEU A 151 3.77 -0.49 -6.79
N ALA A 152 4.18 -1.44 -5.95
CA ALA A 152 3.28 -2.27 -5.15
C ALA A 152 3.42 -1.94 -3.67
N GLY A 153 2.49 -2.45 -2.85
CA GLY A 153 2.54 -2.23 -1.41
C GLY A 153 1.37 -2.91 -0.70
N SER A 154 1.59 -3.19 0.59
CA SER A 154 0.56 -3.82 1.43
C SER A 154 0.21 -2.95 2.62
N SER A 155 -1.08 -2.94 2.99
CA SER A 155 -1.59 -2.27 4.20
C SER A 155 -1.36 -0.77 4.06
N ALA A 156 -0.69 -0.08 5.02
CA ALA A 156 -0.37 1.33 4.79
C ALA A 156 0.44 1.52 3.50
N GLY A 157 1.21 0.50 3.10
CA GLY A 157 1.91 0.57 1.83
C GLY A 157 0.99 0.53 0.62
N GLY A 158 -0.14 -0.18 0.73
CA GLY A 158 -1.11 -0.16 -0.35
C GLY A 158 -1.78 1.19 -0.50
N THR A 159 -2.12 1.83 0.62
CA THR A 159 -2.60 3.21 0.53
C THR A 159 -1.51 4.11 -0.05
N GLY A 160 -0.25 3.85 0.32
CA GLY A 160 0.88 4.58 -0.22
C GLY A 160 0.98 4.51 -1.75
N VAL A 161 0.62 3.37 -2.34
CA VAL A 161 0.62 3.26 -3.80
C VAL A 161 -0.35 4.25 -4.40
N LEU A 162 -1.57 4.28 -3.86
CA LEU A 162 -2.59 5.19 -4.37
C LEU A 162 -2.16 6.64 -4.25
N LEU A 163 -1.47 6.99 -3.16
CA LEU A 163 -1.04 8.37 -2.94
C LEU A 163 0.14 8.75 -3.83
N ASN A 164 0.95 7.79 -4.30
CA ASN A 164 2.23 8.13 -4.91
C ASN A 164 2.44 7.68 -6.36
N VAL A 165 1.61 6.78 -6.91
CA VAL A 165 1.95 6.20 -8.23
C VAL A 165 1.99 7.28 -9.31
N ASP A 166 1.05 8.24 -9.29
CA ASP A 166 1.08 9.30 -10.31
C ASP A 166 2.25 10.25 -10.11
N ARG A 167 2.72 10.41 -8.86
CA ARG A 167 3.89 11.27 -8.68
C ARG A 167 5.16 10.62 -9.20
N VAL A 168 5.28 9.30 -9.07
CA VAL A 168 6.40 8.59 -9.69
C VAL A 168 6.35 8.74 -11.21
N ALA A 169 5.17 8.59 -11.80
CA ALA A 169 5.05 8.76 -13.25
C ALA A 169 5.48 10.16 -13.68
N GLU A 170 5.02 11.19 -12.96
CA GLU A 170 5.41 12.56 -13.27
C GLU A 170 6.91 12.78 -13.08
N GLN A 171 7.50 12.17 -12.05
CA GLN A 171 8.93 12.30 -11.81
C GLN A 171 9.74 11.76 -12.99
N LEU A 172 9.38 10.57 -13.48
CA LEU A 172 10.16 9.98 -14.56
C LEU A 172 9.98 10.75 -15.87
N GLU A 173 8.77 11.29 -16.11
CA GLU A 173 8.58 12.13 -17.30
C GLU A 173 9.49 13.36 -17.24
N LYS A 174 9.55 14.01 -16.07
CA LYS A 174 10.34 15.24 -15.95
C LYS A 174 11.84 14.99 -15.98
N LEU A 175 12.28 13.78 -15.64
CA LEU A 175 13.70 13.46 -15.71
C LEU A 175 14.14 12.96 -17.09
N GLY A 176 13.21 12.79 -18.03
CA GLY A 176 13.55 12.40 -19.38
C GLY A 176 13.43 10.93 -19.70
N TYR A 177 12.57 10.19 -18.99
CA TYR A 177 12.36 8.76 -19.19
C TYR A 177 10.90 8.48 -19.55
N PRO A 178 10.41 9.01 -20.67
CA PRO A 178 8.99 8.82 -21.00
C PRO A 178 8.63 7.39 -21.37
N ALA A 179 9.61 6.54 -21.68
CA ALA A 179 9.29 5.19 -22.16
C ALA A 179 8.99 4.20 -21.05
N ILE A 180 9.26 4.53 -19.78
CA ILE A 180 8.98 3.60 -18.69
C ILE A 180 7.51 3.70 -18.34
N GLN A 181 6.78 2.58 -18.42
CA GLN A 181 5.37 2.54 -18.03
C GLN A 181 5.25 2.32 -16.52
N VAL A 182 4.70 3.30 -15.80
CA VAL A 182 4.46 3.19 -14.36
C VAL A 182 3.05 2.65 -14.12
N ARG A 183 2.94 1.66 -13.23
CA ARG A 183 1.68 1.02 -12.84
C ARG A 183 1.66 0.86 -11.33
N GLY A 184 0.48 0.63 -10.75
CA GLY A 184 0.37 0.42 -9.32
C GLY A 184 -0.39 -0.84 -8.95
N LEU A 185 0.01 -1.43 -7.81
CA LEU A 185 -0.64 -2.64 -7.26
C LEU A 185 -0.87 -2.37 -5.77
N ALA A 186 -2.13 -2.10 -5.41
CA ALA A 186 -2.49 -1.71 -4.05
C ALA A 186 -3.17 -2.87 -3.31
N ASP A 187 -2.47 -3.42 -2.31
CA ASP A 187 -2.92 -4.58 -1.53
C ASP A 187 -3.33 -4.15 -0.12
N SER A 188 -4.59 -4.40 0.23
CA SER A 188 -5.12 -4.18 1.59
C SER A 188 -4.98 -2.73 2.04
N GLY A 189 -5.15 -1.80 1.11
CA GLY A 189 -5.13 -0.39 1.47
C GLY A 189 -6.34 0.39 0.99
N TRP A 190 -7.45 -0.32 0.72
CA TRP A 190 -8.70 0.24 0.19
C TRP A 190 -9.74 0.20 1.31
N PHE A 191 -9.89 1.30 2.04
CA PHE A 191 -10.70 1.35 3.25
C PHE A 191 -11.91 2.25 3.07
N LEU A 192 -12.93 2.04 3.93
CA LEU A 192 -14.17 2.80 3.89
C LEU A 192 -14.27 3.68 5.13
N ASP A 193 -14.65 4.94 4.94
CA ASP A 193 -14.96 5.83 6.06
C ASP A 193 -16.42 5.65 6.48
N ASN A 194 -16.72 4.45 6.96
CA ASN A 194 -18.10 4.02 7.20
C ASN A 194 -18.52 4.24 8.65
N LYS A 195 -19.80 4.00 8.91
CA LYS A 195 -20.33 4.02 10.26
C LYS A 195 -19.76 2.85 11.06
N GLN A 196 -19.32 3.13 12.28
CA GLN A 196 -18.72 2.11 13.11
C GLN A 196 -19.78 1.31 13.87
N TYR A 197 -19.41 0.08 14.25
CA TYR A 197 -20.37 -0.77 14.93
C TYR A 197 -20.63 -0.29 16.36
N ARG A 198 -19.58 0.22 17.03
CA ARG A 198 -19.70 0.98 18.28
C ARG A 198 -18.87 2.26 18.17
N HIS A 199 -19.28 3.31 18.92
CA HIS A 199 -18.77 4.66 18.71
C HIS A 199 -18.04 5.22 19.94
N THR A 200 -16.99 6.02 19.68
CA THR A 200 -16.25 6.72 20.73
C THR A 200 -15.74 8.05 20.18
N ASP A 201 -15.79 9.09 21.01
CA ASP A 201 -15.23 10.39 20.62
C ASP A 201 -13.70 10.34 20.62
N CYS A 202 -13.10 11.16 19.75
CA CYS A 202 -11.64 11.16 19.59
C CYS A 202 -10.99 11.99 20.69
N VAL A 203 -10.62 11.32 21.78
CA VAL A 203 -9.90 11.96 22.88
C VAL A 203 -8.62 11.22 23.24
N ASP A 204 -8.27 10.17 22.50
CA ASP A 204 -7.02 9.44 22.66
C ASP A 204 -6.86 8.52 21.46
N THR A 205 -5.68 7.91 21.37
CA THR A 205 -5.30 7.16 20.17
C THR A 205 -6.32 6.09 19.82
N ILE A 206 -6.76 5.31 20.81
CA ILE A 206 -7.56 4.13 20.53
C ILE A 206 -8.99 4.48 20.12
N THR A 207 -9.52 5.60 20.60
CA THR A 207 -10.89 5.99 20.32
C THR A 207 -11.04 6.88 19.10
N CYS A 208 -9.94 7.31 18.47
CA CYS A 208 -10.00 8.25 17.36
CA CYS A 208 -10.00 8.25 17.36
C CYS A 208 -10.27 7.52 16.05
N ALA A 209 -11.41 7.82 15.43
CA ALA A 209 -11.80 7.20 14.18
C ALA A 209 -10.78 7.52 13.06
N PRO A 210 -10.68 6.65 12.05
CA PRO A 210 -9.66 6.88 11.00
C PRO A 210 -9.72 8.26 10.37
N THR A 211 -10.92 8.79 10.11
CA THR A 211 -11.01 10.10 9.49
C THR A 211 -10.41 11.19 10.37
N GLU A 212 -10.69 11.14 11.68
CA GLU A 212 -10.13 12.15 12.58
C GLU A 212 -8.62 11.97 12.73
N ALA A 213 -8.17 10.73 12.85
CA ALA A 213 -6.73 10.47 13.01
C ALA A 213 -5.94 10.91 11.79
N ILE A 214 -6.47 10.66 10.59
CA ILE A 214 -5.78 11.08 9.37
C ILE A 214 -5.77 12.61 9.24
N ARG A 215 -6.88 13.27 9.61
CA ARG A 215 -6.89 14.74 9.54
C ARG A 215 -5.79 15.35 10.40
N ARG A 216 -5.63 14.85 11.63
CA ARG A 216 -4.58 15.35 12.50
C ARG A 216 -3.20 14.96 11.99
N GLY A 217 -3.07 13.73 11.49
CA GLY A 217 -1.80 13.27 10.95
C GLY A 217 -1.30 14.13 9.81
N ILE A 218 -2.18 14.49 8.88
CA ILE A 218 -1.77 15.31 7.73
C ILE A 218 -1.12 16.61 8.18
N ARG A 219 -1.68 17.24 9.22
CA ARG A 219 -1.11 18.49 9.70
C ARG A 219 0.22 18.24 10.40
N TYR A 220 0.32 17.14 11.15
CA TYR A 220 1.54 16.80 11.89
C TYR A 220 2.68 16.39 10.97
N TRP A 221 2.37 15.77 9.82
CA TRP A 221 3.36 15.24 8.90
C TRP A 221 3.74 16.20 7.78
N ASN A 222 2.99 17.28 7.59
CA ASN A 222 2.97 18.03 6.33
C ASN A 222 2.66 17.10 5.16
N GLY A 223 1.57 16.36 5.29
CA GLY A 223 1.27 15.31 4.32
C GLY A 223 0.79 15.85 2.99
N VAL A 224 1.11 15.12 1.93
CA VAL A 224 0.77 15.53 0.56
C VAL A 224 -0.05 14.45 -0.14
N VAL A 225 -0.97 14.88 -0.99
CA VAL A 225 -1.89 13.98 -1.69
C VAL A 225 -1.82 14.27 -3.18
N PRO A 226 -2.32 13.37 -4.04
CA PRO A 226 -2.26 13.62 -5.48
C PRO A 226 -3.00 14.89 -5.87
N GLU A 227 -2.45 15.59 -6.88
CA GLU A 227 -2.92 16.96 -7.17
C GLU A 227 -4.36 17.01 -7.68
N ARG A 228 -4.77 16.07 -8.54
CA ARG A 228 -6.14 16.17 -9.04
C ARG A 228 -7.14 15.92 -7.91
N CYS A 229 -6.81 15.03 -6.99
CA CYS A 229 -7.69 14.80 -5.84
C CYS A 229 -7.69 16.01 -4.88
N ARG A 230 -6.52 16.61 -4.66
CA ARG A 230 -6.45 17.81 -3.82
C ARG A 230 -7.32 18.93 -4.37
N ARG A 231 -7.34 19.07 -5.70
CA ARG A 231 -8.12 20.14 -6.33
C ARG A 231 -9.62 19.92 -6.18
N GLN A 232 -10.07 18.66 -6.07
CA GLN A 232 -11.50 18.41 -5.86
C GLN A 232 -11.94 18.74 -4.43
N PHE A 233 -11.17 18.30 -3.43
CA PHE A 233 -11.64 18.38 -2.05
C PHE A 233 -11.19 19.66 -1.34
N GLN A 234 -10.09 20.26 -1.80
CA GLN A 234 -9.59 21.59 -1.43
C GLN A 234 -9.06 21.68 0.00
N GLU A 235 -8.60 22.87 0.37
CA GLU A 235 -7.82 23.04 1.59
C GLU A 235 -8.60 22.58 2.82
N GLY A 236 -7.93 21.83 3.69
CA GLY A 236 -8.53 21.33 4.90
C GLY A 236 -9.22 20.00 4.77
N GLU A 237 -9.52 19.55 3.54
CA GLU A 237 -10.26 18.31 3.33
C GLU A 237 -9.43 17.25 2.63
N GLU A 238 -8.09 17.35 2.71
CA GLU A 238 -7.22 16.41 2.01
C GLU A 238 -7.33 14.99 2.55
N TRP A 239 -7.83 14.81 3.79
CA TRP A 239 -8.00 13.45 4.33
C TRP A 239 -8.84 12.56 3.42
N ASN A 240 -9.73 13.13 2.60
CA ASN A 240 -10.55 12.34 1.68
C ASN A 240 -9.71 11.51 0.72
N CYS A 241 -8.55 12.04 0.33
CA CYS A 241 -7.71 11.36 -0.68
C CYS A 241 -6.95 10.17 -0.13
N PHE A 242 -7.03 9.90 1.18
CA PHE A 242 -6.51 8.66 1.76
C PHE A 242 -7.48 7.49 1.63
N PHE A 243 -8.69 7.72 1.09
CA PHE A 243 -9.69 6.66 0.98
C PHE A 243 -9.81 6.24 -0.48
N GLY A 244 -9.46 4.98 -0.74
CA GLY A 244 -9.34 4.42 -2.08
C GLY A 244 -10.43 4.80 -3.07
N TYR A 245 -11.70 4.64 -2.69
CA TYR A 245 -12.77 4.86 -3.66
C TYR A 245 -12.93 6.33 -4.04
N LYS A 246 -12.37 7.25 -3.25
CA LYS A 246 -12.35 8.67 -3.59
C LYS A 246 -11.13 9.08 -4.42
N VAL A 247 -9.95 8.52 -4.15
CA VAL A 247 -8.75 8.96 -4.87
C VAL A 247 -8.55 8.20 -6.19
N TYR A 248 -8.96 6.92 -6.26
CA TYR A 248 -8.76 6.12 -7.47
C TYR A 248 -9.32 6.77 -8.76
N PRO A 249 -10.52 7.37 -8.78
CA PRO A 249 -11.02 7.95 -10.04
C PRO A 249 -10.23 9.14 -10.53
N THR A 250 -9.36 9.72 -9.69
CA THR A 250 -8.52 10.85 -10.10
C THR A 250 -7.18 10.44 -10.67
N LEU A 251 -6.83 9.14 -10.64
CA LEU A 251 -5.50 8.69 -11.05
C LEU A 251 -5.45 8.37 -12.54
N ARG A 252 -4.29 8.63 -13.14
CA ARG A 252 -4.07 8.35 -14.56
C ARG A 252 -3.29 7.06 -14.80
N SER A 253 -2.45 6.61 -13.83
CA SER A 253 -1.68 5.38 -14.03
C SER A 253 -2.58 4.17 -13.82
N PRO A 254 -2.38 3.08 -14.56
CA PRO A 254 -3.17 1.85 -14.29
C PRO A 254 -2.89 1.30 -12.90
N VAL A 255 -3.95 0.98 -12.15
CA VAL A 255 -3.85 0.49 -10.77
C VAL A 255 -4.71 -0.77 -10.60
N PHE A 256 -4.07 -1.87 -10.18
CA PHE A 256 -4.75 -3.11 -9.78
C PHE A 256 -5.00 -3.09 -8.27
N VAL A 257 -6.23 -3.40 -7.85
CA VAL A 257 -6.66 -3.25 -6.45
C VAL A 257 -6.93 -4.64 -5.88
N VAL A 258 -6.20 -5.02 -4.82
CA VAL A 258 -6.44 -6.25 -4.06
C VAL A 258 -7.02 -5.88 -2.69
N GLN A 259 -8.20 -6.43 -2.34
CA GLN A 259 -8.80 -6.11 -1.04
C GLN A 259 -9.70 -7.25 -0.56
N TRP A 260 -9.41 -7.80 0.63
CA TRP A 260 -10.35 -8.72 1.26
C TRP A 260 -11.67 -7.99 1.56
N LEU A 261 -12.80 -8.67 1.32
CA LEU A 261 -14.09 -8.02 1.55
C LEU A 261 -14.34 -7.75 3.03
N PHE A 262 -13.72 -8.54 3.91
CA PHE A 262 -13.89 -8.41 5.36
C PHE A 262 -12.51 -8.21 5.99
N ASP A 263 -11.86 -7.11 5.64
CA ASP A 263 -10.48 -6.86 6.06
C ASP A 263 -10.39 -6.68 7.58
N GLU A 264 -9.40 -7.32 8.20
CA GLU A 264 -9.28 -7.26 9.66
C GLU A 264 -8.97 -5.86 10.17
N ALA A 265 -8.21 -5.06 9.41
CA ALA A 265 -7.90 -3.70 9.87
C ALA A 265 -9.13 -2.82 9.80
N GLN A 266 -9.92 -2.98 8.73
CA GLN A 266 -11.21 -2.28 8.63
C GLN A 266 -12.11 -2.65 9.81
N LEU A 267 -12.20 -3.94 10.14
CA LEU A 267 -13.08 -4.34 11.23
C LEU A 267 -12.57 -3.81 12.57
N THR A 268 -11.25 -3.83 12.77
CA THR A 268 -10.69 -3.28 14.01
C THR A 268 -11.10 -1.82 14.21
N VAL A 269 -10.89 -0.98 13.19
CA VAL A 269 -11.26 0.43 13.33
C VAL A 269 -12.77 0.62 13.43
N ASP A 270 -13.56 -0.36 12.98
CA ASP A 270 -15.00 -0.31 13.16
C ASP A 270 -15.45 -0.83 14.53
N ASN A 271 -14.50 -1.22 15.39
CA ASN A 271 -14.78 -1.70 16.75
C ASN A 271 -15.56 -3.03 16.73
N VAL A 272 -15.19 -3.90 15.79
CA VAL A 272 -15.72 -5.26 15.68
C VAL A 272 -14.62 -6.25 16.03
N HIS A 273 -14.92 -7.21 16.89
CA HIS A 273 -13.94 -8.26 17.22
C HIS A 273 -14.52 -9.67 17.10
N PRO A 278 -20.56 -16.64 18.56
CA PRO A 278 -22.02 -16.62 18.46
C PRO A 278 -22.57 -15.24 18.09
N VAL A 279 -22.64 -14.96 16.78
CA VAL A 279 -22.91 -13.61 16.28
C VAL A 279 -24.41 -13.36 16.26
N GLN A 280 -24.84 -12.26 16.87
CA GLN A 280 -26.27 -11.97 16.91
C GLN A 280 -26.68 -11.08 15.75
N GLU A 281 -27.99 -10.80 15.66
CA GLU A 281 -28.55 -10.25 14.42
C GLU A 281 -27.95 -8.91 14.06
N GLY A 282 -27.81 -8.00 15.03
CA GLY A 282 -27.27 -6.69 14.73
C GLY A 282 -25.89 -6.74 14.09
N LEU A 283 -25.01 -7.57 14.64
CA LEU A 283 -23.65 -7.69 14.11
C LEU A 283 -23.65 -8.46 12.79
N ARG A 284 -24.53 -9.45 12.64
CA ARG A 284 -24.64 -10.14 11.34
C ARG A 284 -24.94 -9.15 10.24
N LEU A 285 -25.98 -8.33 10.42
CA LEU A 285 -26.35 -7.34 9.43
C LEU A 285 -25.21 -6.34 9.18
N TYR A 286 -24.51 -5.93 10.24
CA TYR A 286 -23.40 -4.99 10.07
C TYR A 286 -22.32 -5.56 9.15
N ILE A 287 -21.93 -6.81 9.42
CA ILE A 287 -20.87 -7.44 8.64
C ILE A 287 -21.31 -7.67 7.19
N GLN A 288 -22.56 -8.12 6.99
CA GLN A 288 -23.04 -8.34 5.63
C GLN A 288 -23.10 -7.03 4.84
N ASN A 289 -23.52 -5.95 5.51
CA ASN A 289 -23.55 -4.64 4.86
C ASN A 289 -22.14 -4.13 4.52
N LEU A 290 -21.14 -4.43 5.37
CA LEU A 290 -19.76 -4.03 5.03
C LEU A 290 -19.30 -4.70 3.74
N GLY A 291 -19.52 -6.01 3.61
CA GLY A 291 -19.14 -6.69 2.38
C GLY A 291 -19.82 -6.12 1.15
N ARG A 292 -21.12 -5.83 1.25
CA ARG A 292 -21.85 -5.26 0.12
C ARG A 292 -21.32 -3.88 -0.23
N GLU A 293 -21.01 -3.05 0.78
CA GLU A 293 -20.50 -1.71 0.48
C GLU A 293 -19.14 -1.77 -0.22
N LEU A 294 -18.26 -2.68 0.22
N LEU A 294 -18.26 -2.68 0.20
CA LEU A 294 -16.96 -2.81 -0.41
CA LEU A 294 -16.96 -2.74 -0.46
C LEU A 294 -17.10 -3.25 -1.86
C LEU A 294 -17.09 -3.26 -1.89
N ARG A 295 -17.92 -4.28 -2.10
CA ARG A 295 -18.21 -4.75 -3.45
C ARG A 295 -18.72 -3.62 -4.33
N HIS A 296 -19.57 -2.75 -3.79
CA HIS A 296 -20.10 -1.63 -4.56
C HIS A 296 -18.99 -0.67 -4.98
N THR A 297 -18.03 -0.37 -4.09
CA THR A 297 -16.97 0.55 -4.46
C THR A 297 -16.03 -0.01 -5.52
N LEU A 298 -16.01 -1.34 -5.71
CA LEU A 298 -15.14 -1.97 -6.70
C LEU A 298 -15.86 -2.27 -8.01
N LYS A 299 -17.14 -1.92 -8.13
CA LYS A 299 -17.94 -2.34 -9.29
C LYS A 299 -17.34 -1.82 -10.59
N ASP A 300 -16.81 -0.59 -10.58
CA ASP A 300 -16.24 0.03 -11.77
C ASP A 300 -14.71 0.13 -11.71
N VAL A 301 -14.07 -0.82 -11.02
CA VAL A 301 -12.62 -0.96 -11.00
C VAL A 301 -12.26 -2.16 -11.89
N PRO A 302 -11.81 -1.95 -13.12
CA PRO A 302 -11.65 -3.09 -14.04
C PRO A 302 -10.56 -4.08 -13.64
N ALA A 303 -9.54 -3.68 -12.87
CA ALA A 303 -8.50 -4.61 -12.46
C ALA A 303 -8.54 -4.74 -10.94
N SER A 304 -9.10 -5.83 -10.45
CA SER A 304 -9.30 -5.98 -9.01
C SER A 304 -9.46 -7.46 -8.61
N PHE A 305 -9.10 -7.77 -7.36
CA PHE A 305 -9.16 -9.12 -6.81
C PHE A 305 -9.65 -8.99 -5.38
N ALA A 306 -10.89 -9.42 -5.11
CA ALA A 306 -11.52 -9.19 -3.81
C ALA A 306 -12.25 -10.41 -3.27
N PRO A 307 -11.56 -11.27 -2.54
CA PRO A 307 -12.18 -12.49 -2.00
C PRO A 307 -12.93 -12.27 -0.70
N ALA A 308 -13.98 -13.08 -0.50
CA ALA A 308 -14.86 -12.96 0.68
C ALA A 308 -14.27 -13.70 1.89
N CYS A 309 -13.19 -13.12 2.43
CA CYS A 309 -12.44 -13.70 3.55
C CYS A 309 -12.20 -12.63 4.61
N LEU A 310 -12.07 -13.11 5.86
CA LEU A 310 -11.60 -12.32 6.98
C LEU A 310 -10.08 -12.52 7.09
N SER A 311 -9.31 -11.51 6.70
CA SER A 311 -7.84 -11.58 6.64
C SER A 311 -7.26 -10.16 6.50
N HIS A 312 -5.95 -10.08 6.27
CA HIS A 312 -5.28 -8.80 6.03
C HIS A 312 -3.92 -9.03 5.37
N GLU A 313 -3.66 -8.32 4.27
CA GLU A 313 -2.48 -8.46 3.39
C GLU A 313 -2.47 -9.79 2.63
N ILE A 314 -1.77 -9.85 1.49
CA ILE A 314 -1.62 -11.11 0.76
C ILE A 314 -0.33 -11.22 -0.08
N ILE A 315 0.14 -10.13 -0.68
CA ILE A 315 1.05 -10.35 -1.81
C ILE A 315 2.46 -10.77 -1.42
N ILE A 316 2.95 -10.54 -0.19
CA ILE A 316 4.30 -11.04 0.12
C ILE A 316 4.26 -12.29 1.03
N ARG A 317 3.11 -12.92 1.18
CA ARG A 317 3.02 -14.20 1.87
C ARG A 317 3.46 -15.32 0.94
N SER A 318 4.17 -16.32 1.48
CA SER A 318 4.72 -17.35 0.60
C SER A 318 3.61 -18.19 -0.06
N HIS A 319 2.46 -18.34 0.60
CA HIS A 319 1.36 -19.11 0.03
C HIS A 319 0.31 -18.23 -0.62
N TRP A 320 0.71 -17.06 -1.13
CA TRP A 320 -0.21 -16.15 -1.79
C TRP A 320 -0.86 -16.76 -3.03
N THR A 321 -0.32 -17.82 -3.58
CA THR A 321 -0.89 -18.42 -4.79
C THR A 321 -2.15 -19.24 -4.51
N ASP A 322 -2.49 -19.50 -3.25
CA ASP A 322 -3.50 -20.51 -2.96
C ASP A 322 -4.94 -19.99 -3.11
N VAL A 323 -5.19 -18.72 -2.82
N VAL A 323 -5.17 -18.70 -2.84
CA VAL A 323 -6.57 -18.21 -2.83
CA VAL A 323 -6.53 -18.15 -2.86
C VAL A 323 -7.00 -17.97 -4.27
C VAL A 323 -6.98 -17.98 -4.31
N GLN A 324 -8.27 -18.28 -4.56
CA GLN A 324 -8.84 -18.13 -5.90
C GLN A 324 -10.20 -17.45 -5.81
N VAL A 325 -10.54 -16.67 -6.83
CA VAL A 325 -11.89 -16.12 -7.01
C VAL A 325 -12.43 -16.64 -8.34
N LYS A 326 -13.58 -17.32 -8.30
CA LYS A 326 -14.16 -17.91 -9.50
C LYS A 326 -13.15 -18.79 -10.25
N GLY A 327 -12.30 -19.46 -9.47
CA GLY A 327 -11.31 -20.39 -10.02
C GLY A 327 -10.02 -19.77 -10.52
N THR A 328 -9.81 -18.47 -10.34
CA THR A 328 -8.61 -17.77 -10.83
C THR A 328 -7.79 -17.27 -9.66
N SER A 329 -6.49 -17.62 -9.64
CA SER A 329 -5.61 -17.15 -8.56
C SER A 329 -5.15 -15.72 -8.81
N LEU A 330 -4.61 -15.08 -7.77
CA LEU A 330 -4.07 -13.73 -7.94
C LEU A 330 -2.88 -13.67 -8.89
N PRO A 331 -1.89 -14.56 -8.81
CA PRO A 331 -0.81 -14.52 -9.84
C PRO A 331 -1.35 -14.61 -11.26
N ARG A 332 -2.39 -15.42 -11.50
CA ARG A 332 -2.96 -15.50 -12.83
C ARG A 332 -3.62 -14.19 -13.22
N ALA A 333 -4.43 -13.63 -12.31
CA ALA A 333 -5.11 -12.37 -12.59
C ALA A 333 -4.11 -11.27 -12.92
N LEU A 334 -2.98 -11.22 -12.19
CA LEU A 334 -1.97 -10.21 -12.49
C LEU A 334 -1.31 -10.45 -13.86
N HIS A 335 -1.06 -11.72 -14.21
CA HIS A 335 -0.57 -12.03 -15.56
C HIS A 335 -1.56 -11.61 -16.64
N CYS A 336 -2.87 -11.81 -16.40
CA CYS A 336 -3.85 -11.37 -17.37
C CYS A 336 -3.88 -9.84 -17.49
N TRP A 337 -3.68 -9.15 -16.37
CA TRP A 337 -3.53 -7.69 -16.38
C TRP A 337 -2.37 -7.27 -17.28
N ASP A 338 -1.20 -7.92 -17.13
CA ASP A 338 -0.07 -7.64 -18.03
C ASP A 338 -0.48 -7.74 -19.50
N ARG A 339 -1.21 -8.82 -19.84
CA ARG A 339 -1.60 -9.03 -21.23
C ARG A 339 -2.55 -7.94 -21.71
N SER A 340 -3.48 -7.52 -20.85
CA SER A 340 -4.43 -6.48 -21.25
C SER A 340 -3.77 -5.12 -21.48
N LEU A 341 -2.58 -4.88 -20.93
CA LEU A 341 -1.86 -3.63 -21.13
C LEU A 341 -0.84 -3.70 -22.28
N HIS A 342 -0.81 -4.79 -23.03
CA HIS A 342 -0.03 -4.84 -24.28
C HIS A 342 -0.57 -3.78 -25.25
N THR A 350 -12.02 -6.75 -26.07
CA THR A 350 -10.67 -6.43 -25.59
C THR A 350 -10.33 -7.23 -24.32
N PRO A 351 -11.33 -7.63 -23.53
CA PRO A 351 -11.12 -8.77 -22.61
C PRO A 351 -10.66 -10.04 -23.30
N LEU A 352 -10.00 -10.88 -22.51
CA LEU A 352 -9.23 -12.02 -22.97
C LEU A 352 -9.94 -13.31 -22.60
N LYS A 353 -10.02 -14.24 -23.55
CA LYS A 353 -10.73 -15.49 -23.31
C LYS A 353 -10.06 -16.27 -22.19
N GLY A 354 -10.81 -16.57 -21.13
CA GLY A 354 -10.25 -17.36 -20.06
C GLY A 354 -9.16 -16.71 -19.25
N CYS A 355 -8.94 -15.40 -19.40
CA CYS A 355 -7.90 -14.66 -18.66
C CYS A 355 -8.52 -13.40 -18.04
N PRO A 356 -9.28 -13.54 -16.94
CA PRO A 356 -10.00 -12.38 -16.39
C PRO A 356 -9.13 -11.50 -15.51
N VAL A 357 -9.54 -10.23 -15.38
CA VAL A 357 -8.80 -9.27 -14.56
C VAL A 357 -9.68 -8.58 -13.50
N HIS A 358 -11.02 -8.72 -13.62
CA HIS A 358 -11.96 -8.22 -12.60
C HIS A 358 -12.56 -9.41 -11.86
N LEU A 359 -12.16 -9.60 -10.60
CA LEU A 359 -12.53 -10.79 -9.81
C LEU A 359 -13.01 -10.39 -8.42
N VAL A 360 -14.32 -10.28 -8.23
CA VAL A 360 -14.91 -9.85 -6.94
C VAL A 360 -15.93 -10.89 -6.50
N ASP A 361 -15.77 -11.42 -5.28
CA ASP A 361 -16.72 -12.43 -4.78
C ASP A 361 -18.10 -11.79 -4.56
N SER A 362 -19.14 -12.61 -4.75
CA SER A 362 -20.51 -12.17 -4.49
C SER A 362 -21.13 -12.82 -3.27
N CYS A 363 -20.52 -13.85 -2.69
CA CYS A 363 -21.15 -14.45 -1.53
C CYS A 363 -20.97 -13.56 -0.29
N PRO A 364 -21.88 -13.62 0.68
CA PRO A 364 -22.03 -12.51 1.63
C PRO A 364 -21.43 -12.70 3.04
N TRP A 365 -20.61 -13.72 3.30
CA TRP A 365 -20.12 -13.97 4.65
C TRP A 365 -18.66 -14.44 4.62
N PRO A 366 -17.84 -14.08 5.62
CA PRO A 366 -16.44 -14.53 5.61
C PRO A 366 -16.31 -16.04 5.47
N HIS A 367 -15.37 -16.46 4.62
CA HIS A 367 -15.04 -17.86 4.33
C HIS A 367 -16.14 -18.57 3.55
N CYS A 368 -17.08 -17.83 2.94
CA CYS A 368 -17.95 -18.47 1.96
C CYS A 368 -17.20 -18.86 0.70
N ASN A 369 -15.97 -18.38 0.54
CA ASN A 369 -15.04 -18.83 -0.48
C ASN A 369 -14.16 -19.92 0.14
N PRO A 370 -14.20 -21.15 -0.36
CA PRO A 370 -13.45 -22.24 0.31
C PRO A 370 -11.94 -22.06 0.31
N SER A 371 -11.39 -21.21 -0.56
CA SER A 371 -9.94 -21.05 -0.70
C SER A 371 -9.38 -19.99 0.24
N CYS A 372 -10.18 -19.45 1.16
CA CYS A 372 -9.70 -18.44 2.09
C CYS A 372 -8.58 -19.01 2.96
N PRO A 373 -7.61 -18.17 3.34
CA PRO A 373 -6.52 -18.69 4.18
C PRO A 373 -7.05 -19.07 5.55
N THR A 374 -6.42 -20.09 6.14
CA THR A 374 -6.77 -20.50 7.48
C THR A 374 -5.78 -19.87 8.45
S SO4 B . 12.00 -3.09 17.39
O1 SO4 B . 11.47 -2.83 16.04
O2 SO4 B . 13.41 -2.82 17.36
O3 SO4 B . 11.34 -2.24 18.39
O4 SO4 B . 11.79 -4.49 17.76
C1 NAG C . 18.35 15.49 -1.07
C2 NAG C . 18.75 16.39 -2.24
C3 NAG C . 18.06 17.76 -2.17
C4 NAG C . 16.58 17.63 -1.89
C5 NAG C . 16.32 16.70 -0.71
C6 NAG C . 14.86 16.44 -0.46
C7 NAG C . 20.96 16.25 -3.34
C8 NAG C . 22.43 16.48 -3.19
N2 NAG C . 20.20 16.56 -2.28
O3 NAG C . 18.26 18.43 -3.41
O4 NAG C . 16.04 18.91 -1.60
O5 NAG C . 16.93 15.43 -0.98
O6 NAG C . 14.23 15.81 -1.57
O7 NAG C . 20.47 15.79 -4.38
S DMS D . -30.17 -14.16 15.86
O DMS D . -31.31 -13.75 14.98
C1 DMS D . -29.88 -12.90 17.14
C2 DMS D . -28.62 -14.04 14.90
S SO4 E . 6.53 17.47 18.43
O1 SO4 E . 6.84 16.12 17.92
O2 SO4 E . 7.25 18.46 17.66
O3 SO4 E . 5.10 17.67 18.31
O4 SO4 E . 6.96 17.56 19.83
S SO4 F . 8.45 -13.68 -15.22
O1 SO4 F . 9.26 -14.44 -16.18
O2 SO4 F . 7.50 -12.84 -15.97
O3 SO4 F . 7.69 -14.59 -14.39
O4 SO4 F . 9.34 -12.83 -14.43
S SO4 G . -1.49 -11.46 -26.21
O1 SO4 G . -1.40 -12.79 -26.81
O2 SO4 G . -1.05 -10.45 -27.17
O3 SO4 G . -2.88 -11.18 -25.83
O4 SO4 G . -0.64 -11.41 -25.02
S SO4 H . 27.28 -1.72 -4.39
O1 SO4 H . 26.31 -2.44 -5.22
O2 SO4 H . 28.63 -2.19 -4.71
O3 SO4 H . 27.00 -1.98 -2.99
O4 SO4 H . 27.20 -0.29 -4.64
N12 TEK I . -7.17 4.50 6.77
C13 TEK I . -6.92 5.11 5.47
C15 TEK I . -7.87 6.17 4.95
C01 TEK I . -8.33 0.89 8.40
C02 TEK I . -7.75 2.27 8.69
C04 TEK I . -5.31 1.80 8.20
C05 TEK I . -4.97 0.65 8.96
C06 TEK I . -3.69 0.14 8.91
C07 TEK I . -2.73 0.77 8.11
C08 TEK I . -3.05 1.89 7.36
C09 TEK I . -4.37 2.40 7.42
C11 TEK I . -6.22 3.51 7.20
N03 TEK I . -6.47 2.51 8.05
N10 TEK I . -4.95 3.46 6.82
O14 TEK I . -6.00 4.81 4.80
#